data_4OMU
#
_entry.id   4OMU
#
_cell.length_a   67.555
_cell.length_b   84.393
_cell.length_c   94.404
_cell.angle_alpha   90.00
_cell.angle_beta   90.00
_cell.angle_gamma   90.00
#
_symmetry.space_group_name_H-M   'P 21 21 21'
#
loop_
_entity.id
_entity.type
_entity.pdbx_description
1 polymer 'Shikimate dehydrogenase'
2 non-polymer 'SULFATE ION'
3 water water
#
_entity_poly.entity_id   1
_entity_poly.type   'polypeptide(L)'
_entity_poly.pdbx_seq_one_letter_code
;MDQYVVFGNPIGHSKSPLIHRLFAEQTGQDLEYATLLAPLDEFSDCARGFFKQGSGGNVTVPFKEEAFRLCDSLTPRARR
AGAVNTLSKLADGTLQGDNTDGAGLVRDLTVNAGVELAGKRILILGAGGAVRGVLEPILAHKPQSLVIANRTVEKAEQLA
REFDELGPVVASGFAWLQEPVDVIINATSASLAGELPPIADSLVEAGRTVCYDMMYGKEPTPFCQWATKLGAAKVLDGLG
MLAEQAAEAFFIWRGVRPDTAPVLAELRRQLARGGSRENLYFQ
;
_entity_poly.pdbx_strand_id   A,B
#
# COMPACT_ATOMS: atom_id res chain seq x y z
N MET A 1 24.07 30.38 -1.09
CA MET A 1 23.79 29.30 -0.15
C MET A 1 23.37 28.04 -0.91
N ASP A 2 23.79 26.89 -0.40
CA ASP A 2 23.51 25.64 -1.10
C ASP A 2 22.04 25.24 -0.96
N GLN A 3 21.44 24.79 -2.06
CA GLN A 3 20.03 24.43 -2.07
C GLN A 3 19.83 22.94 -2.28
N TYR A 4 18.95 22.39 -1.45
CA TYR A 4 18.58 20.99 -1.51
C TYR A 4 17.06 20.88 -1.53
N VAL A 5 16.54 19.83 -2.18
CA VAL A 5 15.09 19.58 -2.17
C VAL A 5 14.75 18.12 -1.96
N VAL A 6 13.48 17.86 -1.62
CA VAL A 6 12.92 16.52 -1.78
C VAL A 6 11.99 16.56 -2.98
N PHE A 7 12.24 15.68 -3.95
CA PHE A 7 11.39 15.54 -5.12
C PHE A 7 10.29 14.58 -4.78
N GLY A 8 9.05 14.96 -5.04
CA GLY A 8 7.97 14.05 -4.76
C GLY A 8 6.65 14.48 -5.34
N ASN A 9 5.67 13.58 -5.24
CA ASN A 9 4.28 13.87 -5.61
C ASN A 9 3.36 12.82 -4.99
N PRO A 10 2.53 13.21 -4.01
CA PRO A 10 2.40 14.54 -3.41
C PRO A 10 3.55 14.80 -2.45
N ILE A 11 3.80 16.04 -2.09
CA ILE A 11 4.99 16.29 -1.28
C ILE A 11 4.74 17.33 -0.20
N GLY A 12 3.48 17.76 -0.10
CA GLY A 12 3.07 18.77 0.86
C GLY A 12 3.36 18.42 2.31
N HIS A 13 3.11 17.17 2.68
CA HIS A 13 3.27 16.72 4.06
C HIS A 13 4.61 16.05 4.38
N SER A 14 5.60 16.29 3.53
CA SER A 14 6.92 15.66 3.71
C SER A 14 7.58 16.02 5.02
N LYS A 15 8.21 15.03 5.65
CA LYS A 15 9.00 15.22 6.86
C LYS A 15 10.44 15.59 6.53
N SER A 16 10.82 15.46 5.26
CA SER A 16 12.25 15.62 4.92
C SER A 16 12.79 17.04 5.15
N PRO A 17 12.01 18.09 4.84
CA PRO A 17 12.55 19.42 5.13
C PRO A 17 12.87 19.63 6.61
N LEU A 18 11.97 19.22 7.51
CA LEU A 18 12.25 19.29 8.95
C LEU A 18 13.50 18.51 9.29
N ILE A 19 13.59 17.28 8.78
CA ILE A 19 14.70 16.41 9.14
C ILE A 19 16.04 17.02 8.77
N HIS A 20 16.15 17.49 7.54
CA HIS A 20 17.44 18.00 7.08
C HIS A 20 17.73 19.39 7.64
N ARG A 21 16.69 20.17 7.93
CA ARG A 21 16.91 21.45 8.60
C ARG A 21 17.46 21.23 10.01
N LEU A 22 16.94 20.23 10.71
CA LEU A 22 17.47 19.90 12.04
C LEU A 22 18.90 19.37 11.94
N PHE A 23 19.16 18.50 10.98
CA PHE A 23 20.54 18.07 10.69
C PHE A 23 21.46 19.26 10.48
N ALA A 24 21.02 20.20 9.66
CA ALA A 24 21.85 21.35 9.30
C ALA A 24 22.15 22.23 10.53
N GLU A 25 21.16 22.40 11.39
CA GLU A 25 21.34 23.17 12.62
C GLU A 25 22.34 22.49 13.54
N GLN A 26 22.16 21.18 13.71
CA GLN A 26 23.06 20.36 14.53
C GLN A 26 24.52 20.46 14.16
N THR A 27 24.77 20.44 12.85
CA THR A 27 26.10 20.27 12.32
C THR A 27 26.67 21.57 11.73
N GLY A 28 25.97 22.67 11.95
CA GLY A 28 26.41 23.99 11.50
C GLY A 28 26.55 24.17 9.99
N GLN A 29 25.66 23.53 9.23
CA GLN A 29 25.71 23.62 7.78
C GLN A 29 24.86 24.74 7.21
N ASP A 30 25.47 25.50 6.31
CA ASP A 30 24.80 26.60 5.65
C ASP A 30 24.08 26.15 4.38
N LEU A 31 22.83 25.73 4.55
CA LEU A 31 22.04 25.23 3.43
C LEU A 31 20.56 25.46 3.66
N GLU A 32 19.79 25.38 2.58
CA GLU A 32 18.33 25.42 2.67
C GLU A 32 17.76 24.17 2.03
N TYR A 33 16.62 23.71 2.55
CA TYR A 33 15.99 22.49 2.08
C TYR A 33 14.49 22.69 1.91
N ALA A 34 13.99 22.47 0.69
CA ALA A 34 12.57 22.70 0.40
C ALA A 34 11.96 21.51 -0.33
N THR A 35 10.63 21.49 -0.45
CA THR A 35 9.96 20.46 -1.25
C THR A 35 9.91 20.93 -2.69
N LEU A 36 9.89 19.98 -3.62
CA LEU A 36 9.70 20.28 -5.04
C LEU A 36 8.69 19.28 -5.59
N LEU A 37 7.51 19.79 -5.93
CA LEU A 37 6.48 18.94 -6.51
C LEU A 37 6.76 18.68 -7.99
N ALA A 38 7.01 17.42 -8.32
CA ALA A 38 7.18 17.01 -9.70
C ALA A 38 5.91 16.38 -10.21
N PRO A 39 5.38 16.86 -11.35
CA PRO A 39 4.30 16.09 -12.00
C PRO A 39 4.75 14.65 -12.19
N LEU A 40 3.85 13.70 -12.03
CA LEU A 40 4.21 12.29 -12.05
C LEU A 40 4.91 11.82 -13.33
N ASP A 41 4.71 12.56 -14.43
CA ASP A 41 5.34 12.17 -15.68
C ASP A 41 6.44 13.12 -16.12
N GLU A 42 6.80 14.09 -15.28
CA GLU A 42 7.79 15.09 -15.67
C GLU A 42 8.95 15.17 -14.69
N PHE A 43 9.28 14.08 -14.02
CA PHE A 43 10.33 14.15 -13.00
C PHE A 43 11.67 14.59 -13.57
N SER A 44 12.10 13.99 -14.67
CA SER A 44 13.42 14.29 -15.21
C SER A 44 13.54 15.77 -15.58
N ASP A 45 12.49 16.33 -16.17
CA ASP A 45 12.50 17.75 -16.50
C ASP A 45 12.65 18.60 -15.25
N CYS A 46 11.94 18.22 -14.19
CA CYS A 46 11.98 18.97 -12.94
C CYS A 46 13.38 18.93 -12.33
N ALA A 47 13.99 17.74 -12.33
CA ALA A 47 15.33 17.57 -11.78
C ALA A 47 16.35 18.38 -12.60
N ARG A 48 16.29 18.32 -13.92
CA ARG A 48 17.22 19.11 -14.74
C ARG A 48 17.09 20.60 -14.44
N GLY A 49 15.86 21.08 -14.31
CA GLY A 49 15.62 22.47 -13.97
C GLY A 49 16.22 22.83 -12.62
N PHE A 50 15.97 21.99 -11.61
CA PHE A 50 16.50 22.28 -10.28
C PHE A 50 18.02 22.30 -10.23
N PHE A 51 18.67 21.40 -10.97
CA PHE A 51 20.11 21.24 -10.81
C PHE A 51 20.91 22.23 -11.65
N LYS A 52 20.22 23.15 -12.30
CA LYS A 52 20.91 24.31 -12.88
C LYS A 52 21.63 25.07 -11.77
N GLN A 53 20.95 25.23 -10.63
CA GLN A 53 21.48 25.97 -9.48
C GLN A 53 21.61 25.13 -8.19
N GLY A 54 20.90 24.01 -8.12
CA GLY A 54 20.82 23.27 -6.87
C GLY A 54 21.99 22.34 -6.59
N SER A 55 22.15 21.94 -5.34
CA SER A 55 23.28 21.11 -4.94
C SER A 55 22.96 19.63 -4.82
N GLY A 56 21.76 19.31 -4.33
CA GLY A 56 21.44 17.92 -4.13
C GLY A 56 19.94 17.77 -3.89
N GLY A 57 19.45 16.53 -3.94
CA GLY A 57 18.07 16.33 -3.56
C GLY A 57 17.76 14.90 -3.24
N ASN A 58 16.78 14.69 -2.37
CA ASN A 58 16.29 13.33 -2.15
C ASN A 58 15.17 13.03 -3.10
N VAL A 59 15.08 11.77 -3.48
CA VAL A 59 14.09 11.30 -4.43
C VAL A 59 13.18 10.28 -3.78
N THR A 60 11.89 10.58 -3.78
CA THR A 60 10.91 9.69 -3.15
C THR A 60 10.26 8.76 -4.18
N VAL A 61 9.66 7.69 -3.69
CA VAL A 61 8.78 6.88 -4.51
C VAL A 61 7.71 7.83 -5.06
N PRO A 62 7.35 7.72 -6.35
CA PRO A 62 7.62 6.69 -7.35
C PRO A 62 8.77 7.01 -8.30
N PHE A 63 9.63 7.94 -7.93
CA PHE A 63 10.61 8.49 -8.88
C PHE A 63 11.99 7.85 -8.85
N LYS A 64 12.22 6.85 -8.01
CA LYS A 64 13.59 6.38 -7.77
C LYS A 64 14.19 5.65 -8.98
N GLU A 65 13.35 4.97 -9.74
CA GLU A 65 13.84 4.26 -10.93
C GLU A 65 14.18 5.25 -12.04
N GLU A 66 13.31 6.25 -12.22
CA GLU A 66 13.56 7.29 -13.23
C GLU A 66 14.82 8.06 -12.87
N ALA A 67 15.03 8.31 -11.59
CA ALA A 67 16.26 8.99 -11.15
C ALA A 67 17.49 8.13 -11.48
N PHE A 68 17.36 6.81 -11.35
CA PHE A 68 18.43 5.87 -11.70
C PHE A 68 18.76 5.98 -13.18
N ARG A 69 17.75 6.20 -14.02
CA ARG A 69 17.98 6.32 -15.46
C ARG A 69 18.51 7.68 -15.88
N LEU A 70 18.24 8.71 -15.07
CA LEU A 70 18.62 10.10 -15.37
C LEU A 70 20.10 10.42 -15.14
N CYS A 71 20.68 9.77 -14.14
CA CYS A 71 22.02 10.13 -13.66
C CYS A 71 23.12 9.98 -14.69
N ASP A 72 24.12 10.84 -14.58
CA ASP A 72 25.36 10.70 -15.34
C ASP A 72 26.27 9.64 -14.72
N SER A 73 26.28 9.54 -13.41
CA SER A 73 27.05 8.48 -12.75
C SER A 73 26.25 7.92 -11.59
N LEU A 74 26.61 6.70 -11.22
CA LEU A 74 25.97 5.98 -10.11
C LEU A 74 27.01 5.40 -9.18
N THR A 75 26.74 5.46 -7.89
CA THR A 75 27.56 4.76 -6.93
C THR A 75 27.33 3.26 -7.12
N PRO A 76 28.26 2.43 -6.66
CA PRO A 76 28.09 0.98 -6.76
C PRO A 76 26.80 0.48 -6.10
N ARG A 77 26.46 1.02 -4.92
CA ARG A 77 25.26 0.52 -4.26
C ARG A 77 24.00 0.98 -4.99
N ALA A 78 24.03 2.14 -5.63
CA ALA A 78 22.90 2.58 -6.46
C ALA A 78 22.78 1.72 -7.72
N ARG A 79 23.92 1.36 -8.32
CA ARG A 79 23.93 0.47 -9.47
C ARG A 79 23.25 -0.86 -9.12
N ARG A 80 23.64 -1.45 -7.99
CA ARG A 80 23.05 -2.72 -7.56
C ARG A 80 21.58 -2.57 -7.22
N ALA A 81 21.20 -1.42 -6.63
CA ALA A 81 19.80 -1.23 -6.25
C ALA A 81 18.85 -0.99 -7.43
N GLY A 82 19.34 -0.48 -8.55
CA GLY A 82 18.48 -0.15 -9.67
C GLY A 82 17.53 0.99 -9.34
N ALA A 83 17.95 1.83 -8.41
CA ALA A 83 17.09 2.88 -7.89
C ALA A 83 17.96 3.89 -7.18
N VAL A 84 17.63 5.17 -7.36
CA VAL A 84 18.37 6.27 -6.75
C VAL A 84 17.43 7.07 -5.85
N ASN A 85 17.83 7.28 -4.60
CA ASN A 85 17.03 8.10 -3.70
C ASN A 85 17.76 9.38 -3.28
N THR A 86 18.97 9.55 -3.81
CA THR A 86 19.81 10.69 -3.44
C THR A 86 20.57 11.17 -4.67
N LEU A 87 20.33 12.42 -5.05
CA LEU A 87 20.98 13.03 -6.21
C LEU A 87 21.95 14.10 -5.73
N SER A 88 23.14 14.13 -6.35
CA SER A 88 24.14 15.15 -6.02
C SER A 88 24.73 15.75 -7.29
N LYS A 89 24.90 17.07 -7.31
CA LYS A 89 25.61 17.70 -8.43
C LYS A 89 27.09 17.75 -8.10
N LEU A 90 27.94 17.30 -9.01
CA LEU A 90 29.38 17.28 -8.75
C LEU A 90 30.00 18.57 -9.25
N ALA A 91 31.27 18.75 -8.95
CA ALA A 91 31.95 19.99 -9.33
C ALA A 91 31.97 20.23 -10.83
N ASP A 92 31.98 19.15 -11.61
CA ASP A 92 32.00 19.30 -13.07
C ASP A 92 30.60 19.45 -13.64
N GLY A 93 29.62 19.61 -12.75
CA GLY A 93 28.25 19.87 -13.17
C GLY A 93 27.42 18.64 -13.47
N THR A 94 28.03 17.47 -13.47
CA THR A 94 27.31 16.23 -13.73
C THR A 94 26.48 15.82 -12.54
N LEU A 95 25.56 14.89 -12.79
CA LEU A 95 24.59 14.48 -11.77
C LEU A 95 24.88 13.06 -11.33
N GLN A 96 25.08 12.85 -10.03
CA GLN A 96 25.39 11.52 -9.53
C GLN A 96 24.26 10.99 -8.64
N GLY A 97 23.93 9.72 -8.80
CA GLY A 97 22.89 9.09 -8.00
C GLY A 97 23.46 8.09 -7.02
N ASP A 98 22.96 8.15 -5.78
CA ASP A 98 23.30 7.21 -4.74
C ASP A 98 22.01 6.58 -4.20
N ASN A 99 22.13 5.52 -3.43
CA ASN A 99 20.98 4.93 -2.76
C ASN A 99 21.33 4.70 -1.29
N THR A 100 20.66 5.42 -0.40
CA THR A 100 20.93 5.34 1.03
C THR A 100 19.87 4.54 1.79
N ASP A 101 18.88 4.01 1.08
CA ASP A 101 17.80 3.26 1.72
C ASP A 101 18.31 2.02 2.45
N GLY A 102 19.11 1.21 1.78
CA GLY A 102 19.68 0.03 2.42
C GLY A 102 20.54 0.35 3.64
N ALA A 103 21.39 1.37 3.52
CA ALA A 103 22.21 1.81 4.63
C ALA A 103 21.33 2.23 5.80
N GLY A 104 20.24 2.92 5.50
CA GLY A 104 19.34 3.42 6.53
C GLY A 104 18.66 2.28 7.26
N LEU A 105 18.17 1.30 6.50
CA LEU A 105 17.52 0.13 7.07
C LEU A 105 18.46 -0.62 8.00
N VAL A 106 19.66 -0.96 7.51
CA VAL A 106 20.54 -1.78 8.32
C VAL A 106 21.06 -1.00 9.54
N ARG A 107 21.27 0.31 9.39
CA ARG A 107 21.68 1.12 10.53
C ARG A 107 20.59 1.19 11.59
N ASP A 108 19.34 1.38 11.16
CA ASP A 108 18.24 1.43 12.12
C ASP A 108 18.11 0.10 12.83
N LEU A 109 18.18 -0.99 12.08
CA LEU A 109 18.02 -2.32 12.65
C LEU A 109 19.12 -2.66 13.65
N THR A 110 20.37 -2.47 13.24
CA THR A 110 21.49 -2.99 14.03
C THR A 110 21.95 -2.01 15.10
N VAL A 111 21.99 -0.73 14.79
CA VAL A 111 22.46 0.25 15.76
C VAL A 111 21.34 0.79 16.64
N ASN A 112 20.25 1.26 16.04
CA ASN A 112 19.16 1.82 16.84
C ASN A 112 18.39 0.78 17.63
N ALA A 113 18.03 -0.32 16.96
CA ALA A 113 17.17 -1.32 17.60
C ALA A 113 17.97 -2.47 18.21
N GLY A 114 19.28 -2.48 17.97
CA GLY A 114 20.16 -3.48 18.54
C GLY A 114 19.84 -4.90 18.09
N VAL A 115 19.46 -5.05 16.84
CA VAL A 115 19.12 -6.35 16.29
C VAL A 115 20.32 -6.93 15.56
N GLU A 116 20.76 -8.12 15.97
CA GLU A 116 21.90 -8.73 15.32
C GLU A 116 21.47 -9.35 13.99
N LEU A 117 22.33 -9.22 12.98
CA LEU A 117 22.07 -9.84 11.67
C LEU A 117 23.07 -10.96 11.38
N ALA A 118 24.30 -10.80 11.85
CA ALA A 118 25.34 -11.79 11.58
C ALA A 118 24.95 -13.16 12.13
N GLY A 119 25.05 -14.18 11.27
CA GLY A 119 24.74 -15.55 11.65
C GLY A 119 23.28 -15.87 11.82
N LYS A 120 22.40 -14.92 11.48
CA LYS A 120 20.97 -15.10 11.67
C LYS A 120 20.24 -15.51 10.40
N ARG A 121 19.02 -15.99 10.58
CA ARG A 121 18.15 -16.35 9.48
C ARG A 121 17.19 -15.20 9.23
N ILE A 122 17.31 -14.60 8.05
CA ILE A 122 16.52 -13.43 7.67
C ILE A 122 15.55 -13.77 6.55
N LEU A 123 14.35 -13.23 6.66
CA LEU A 123 13.32 -13.38 5.64
C LEU A 123 12.86 -12.00 5.22
N ILE A 124 12.85 -11.75 3.91
CA ILE A 124 12.31 -10.49 3.44
C ILE A 124 11.13 -10.79 2.49
N LEU A 125 10.06 -10.03 2.68
CA LEU A 125 8.81 -10.24 1.94
C LEU A 125 8.67 -9.19 0.85
N GLY A 126 8.58 -9.64 -0.39
CA GLY A 126 8.42 -8.74 -1.52
C GLY A 126 9.56 -8.95 -2.51
N ALA A 127 9.51 -8.27 -3.64
CA ALA A 127 10.60 -8.41 -4.60
C ALA A 127 10.71 -7.23 -5.53
N GLY A 128 10.38 -6.05 -5.01
CA GLY A 128 10.45 -4.86 -5.84
C GLY A 128 11.74 -4.08 -5.67
N GLY A 129 11.71 -2.82 -6.10
CA GLY A 129 12.85 -1.94 -5.88
C GLY A 129 13.17 -1.78 -4.42
N ALA A 130 12.16 -1.87 -3.55
CA ALA A 130 12.42 -1.75 -2.12
C ALA A 130 13.34 -2.86 -1.63
N VAL A 131 13.16 -4.07 -2.14
CA VAL A 131 14.02 -5.18 -1.74
C VAL A 131 15.39 -5.05 -2.40
N ARG A 132 15.41 -4.68 -3.67
CA ARG A 132 16.67 -4.65 -4.38
C ARG A 132 17.59 -3.62 -3.72
N GLY A 133 17.00 -2.58 -3.14
CA GLY A 133 17.76 -1.52 -2.52
C GLY A 133 18.40 -1.85 -1.19
N VAL A 134 18.05 -3.00 -0.60
CA VAL A 134 18.56 -3.32 0.73
C VAL A 134 19.33 -4.64 0.83
N LEU A 135 19.32 -5.44 -0.23
CA LEU A 135 19.96 -6.76 -0.19
C LEU A 135 21.47 -6.69 0.10
N GLU A 136 22.18 -5.78 -0.58
CA GLU A 136 23.62 -5.69 -0.44
C GLU A 136 24.05 -5.36 1.01
N PRO A 137 23.51 -4.27 1.59
CA PRO A 137 23.95 -4.00 2.97
C PRO A 137 23.51 -5.04 4.00
N ILE A 138 22.41 -5.76 3.75
CA ILE A 138 22.07 -6.84 4.66
C ILE A 138 23.09 -7.97 4.54
N LEU A 139 23.44 -8.34 3.32
CA LEU A 139 24.39 -9.44 3.10
C LEU A 139 25.78 -9.09 3.65
N ALA A 140 26.12 -7.81 3.67
CA ALA A 140 27.43 -7.39 4.17
C ALA A 140 27.58 -7.72 5.65
N HIS A 141 26.46 -7.88 6.35
CA HIS A 141 26.46 -8.24 7.76
C HIS A 141 26.58 -9.75 8.01
N LYS A 142 26.73 -10.50 6.92
CA LYS A 142 27.01 -11.93 6.96
C LYS A 142 25.97 -12.77 7.71
N PRO A 143 24.70 -12.70 7.28
CA PRO A 143 23.68 -13.57 7.89
C PRO A 143 23.92 -15.04 7.56
N GLN A 144 23.33 -15.94 8.33
CA GLN A 144 23.38 -17.35 7.95
C GLN A 144 22.66 -17.57 6.62
N SER A 145 21.51 -16.92 6.47
CA SER A 145 20.71 -17.07 5.26
C SER A 145 19.81 -15.85 5.07
N LEU A 146 19.53 -15.51 3.81
CA LEU A 146 18.62 -14.42 3.48
C LEU A 146 17.63 -14.95 2.46
N VAL A 147 16.39 -15.15 2.89
CA VAL A 147 15.37 -15.70 2.01
C VAL A 147 14.48 -14.58 1.50
N ILE A 148 14.30 -14.53 0.17
CA ILE A 148 13.38 -13.59 -0.46
C ILE A 148 12.12 -14.34 -0.85
N ALA A 149 10.97 -13.92 -0.31
CA ALA A 149 9.71 -14.55 -0.68
C ALA A 149 8.73 -13.55 -1.29
N ASN A 150 8.05 -13.94 -2.35
CA ASN A 150 7.17 -13.01 -3.03
C ASN A 150 6.00 -13.74 -3.68
N ARG A 151 4.90 -13.01 -3.88
CA ARG A 151 3.71 -13.53 -4.55
C ARG A 151 4.06 -14.32 -5.82
N THR A 152 4.91 -13.74 -6.67
CA THR A 152 5.41 -14.42 -7.84
C THR A 152 6.88 -14.74 -7.61
N VAL A 153 7.16 -16.03 -7.47
CA VAL A 153 8.48 -16.47 -7.05
C VAL A 153 9.55 -16.11 -8.08
N GLU A 154 9.18 -15.99 -9.35
CA GLU A 154 10.19 -15.70 -10.38
C GLU A 154 10.88 -14.36 -10.13
N LYS A 155 10.13 -13.36 -9.67
CA LYS A 155 10.73 -12.07 -9.34
C LYS A 155 11.72 -12.22 -8.18
N ALA A 156 11.40 -13.08 -7.22
CA ALA A 156 12.33 -13.33 -6.13
C ALA A 156 13.55 -14.09 -6.64
N GLU A 157 13.34 -15.04 -7.55
CA GLU A 157 14.45 -15.81 -8.10
C GLU A 157 15.41 -14.90 -8.85
N GLN A 158 14.88 -13.91 -9.56
CA GLN A 158 15.74 -12.98 -10.29
C GLN A 158 16.58 -12.13 -9.32
N LEU A 159 16.00 -11.71 -8.21
CA LEU A 159 16.76 -10.95 -7.22
C LEU A 159 17.87 -11.79 -6.62
N ALA A 160 17.56 -13.05 -6.27
CA ALA A 160 18.56 -13.92 -5.68
C ALA A 160 19.71 -14.14 -6.68
N ARG A 161 19.37 -14.17 -7.96
CA ARG A 161 20.35 -14.36 -9.01
C ARG A 161 21.33 -13.17 -9.06
N GLU A 162 20.80 -11.97 -8.85
CA GLU A 162 21.61 -10.76 -8.89
C GLU A 162 22.53 -10.60 -7.69
N PHE A 163 22.20 -11.21 -6.56
CA PHE A 163 23.00 -10.98 -5.36
C PHE A 163 23.67 -12.26 -4.85
N ASP A 164 23.54 -13.33 -5.62
CA ASP A 164 24.06 -14.65 -5.27
C ASP A 164 25.53 -14.61 -4.87
N GLU A 165 26.29 -13.78 -5.56
CA GLU A 165 27.74 -13.73 -5.34
C GLU A 165 28.09 -12.96 -4.08
N LEU A 166 27.12 -12.23 -3.53
CA LEU A 166 27.36 -11.41 -2.34
C LEU A 166 27.02 -12.12 -1.03
N GLY A 167 26.43 -13.31 -1.12
CA GLY A 167 26.06 -14.03 0.09
C GLY A 167 24.97 -15.08 -0.08
N PRO A 168 24.57 -15.70 1.04
CA PRO A 168 23.63 -16.83 1.05
C PRO A 168 22.19 -16.38 0.86
N VAL A 169 21.93 -15.73 -0.25
CA VAL A 169 20.57 -15.27 -0.57
C VAL A 169 19.91 -16.30 -1.49
N VAL A 170 18.66 -16.64 -1.19
CA VAL A 170 17.90 -17.60 -1.97
C VAL A 170 16.46 -17.14 -2.09
N ALA A 171 15.76 -17.56 -3.13
CA ALA A 171 14.35 -17.28 -3.26
C ALA A 171 13.54 -18.48 -2.77
N SER A 172 12.33 -18.23 -2.30
CA SER A 172 11.42 -19.32 -1.94
C SER A 172 9.97 -18.90 -2.11
N GLY A 173 9.12 -19.84 -2.52
CA GLY A 173 7.70 -19.61 -2.49
C GLY A 173 7.25 -19.73 -1.04
N PHE A 174 6.10 -19.13 -0.72
CA PHE A 174 5.63 -19.10 0.66
C PHE A 174 5.30 -20.48 1.19
N ALA A 175 4.87 -21.37 0.30
CA ALA A 175 4.43 -22.69 0.72
C ALA A 175 5.53 -23.48 1.42
N TRP A 176 6.79 -23.11 1.16
CA TRP A 176 7.94 -23.82 1.74
C TRP A 176 8.42 -23.22 3.06
N LEU A 177 7.91 -22.03 3.38
CA LEU A 177 8.31 -21.35 4.61
C LEU A 177 7.43 -21.84 5.76
N GLN A 178 8.07 -22.29 6.83
CA GLN A 178 7.32 -22.71 8.01
C GLN A 178 8.11 -22.56 9.30
N GLU A 179 9.40 -22.86 9.22
CA GLU A 179 10.30 -22.78 10.37
C GLU A 179 10.44 -21.34 10.78
N PRO A 180 10.46 -21.07 12.11
CA PRO A 180 10.65 -19.69 12.53
C PRO A 180 12.00 -19.14 12.07
N VAL A 181 12.06 -17.83 11.86
CA VAL A 181 13.30 -17.16 11.51
C VAL A 181 13.64 -16.12 12.58
N ASP A 182 14.80 -15.50 12.44
CA ASP A 182 15.25 -14.52 13.43
C ASP A 182 14.70 -13.13 13.14
N VAL A 183 14.63 -12.78 11.85
CA VAL A 183 14.19 -11.45 11.44
C VAL A 183 13.31 -11.57 10.21
N ILE A 184 12.14 -10.94 10.25
CA ILE A 184 11.27 -10.82 9.08
C ILE A 184 11.18 -9.35 8.69
N ILE A 185 11.55 -9.03 7.46
CA ILE A 185 11.48 -7.66 6.95
C ILE A 185 10.37 -7.59 5.91
N ASN A 186 9.39 -6.72 6.13
CA ASN A 186 8.34 -6.54 5.14
C ASN A 186 8.67 -5.42 4.18
N ALA A 187 8.63 -5.72 2.87
CA ALA A 187 8.96 -4.72 1.86
C ALA A 187 7.84 -4.58 0.82
N THR A 188 6.65 -5.09 1.14
CA THR A 188 5.54 -5.05 0.17
C THR A 188 4.71 -3.78 0.31
N SER A 189 4.63 -2.99 -0.77
CA SER A 189 3.84 -1.76 -0.73
C SER A 189 2.36 -2.06 -0.55
N ALA A 190 1.89 -3.13 -1.19
CA ALA A 190 0.46 -3.44 -1.17
C ALA A 190 -0.03 -3.84 0.21
N SER A 191 0.89 -4.14 1.12
CA SER A 191 0.52 -4.58 2.45
C SER A 191 -0.15 -3.47 3.25
N LEU A 192 0.13 -2.20 2.92
CA LEU A 192 -0.52 -1.09 3.61
C LEU A 192 -2.02 -1.11 3.41
N ALA A 193 -2.46 -1.67 2.28
CA ALA A 193 -3.87 -1.77 1.94
C ALA A 193 -4.45 -3.13 2.35
N GLY A 194 -3.65 -3.91 3.07
CA GLY A 194 -4.10 -5.18 3.63
C GLY A 194 -3.75 -6.42 2.82
N GLU A 195 -3.08 -6.25 1.69
CA GLU A 195 -2.65 -7.40 0.91
C GLU A 195 -1.41 -8.02 1.57
N LEU A 196 -1.59 -8.72 2.68
CA LEU A 196 -0.48 -9.50 3.26
C LEU A 196 -0.35 -10.83 2.50
N PRO A 197 0.88 -11.36 2.40
CA PRO A 197 1.12 -12.64 1.73
C PRO A 197 0.68 -13.82 2.59
N PRO A 198 0.54 -15.02 1.99
CA PRO A 198 0.09 -16.18 2.78
C PRO A 198 1.21 -16.77 3.62
N ILE A 199 1.69 -16.00 4.59
CA ILE A 199 2.77 -16.46 5.46
C ILE A 199 2.23 -17.15 6.71
N ALA A 200 2.88 -18.23 7.10
CA ALA A 200 2.46 -19.02 8.25
C ALA A 200 2.71 -18.28 9.57
N ASP A 201 1.82 -18.50 10.54
CA ASP A 201 2.02 -17.99 11.89
C ASP A 201 3.35 -18.47 12.48
N SER A 202 3.78 -19.66 12.07
CA SER A 202 4.95 -20.29 12.70
C SER A 202 6.27 -19.60 12.36
N LEU A 203 6.26 -18.72 11.37
CA LEU A 203 7.46 -17.97 11.03
C LEU A 203 7.91 -17.09 12.19
N VAL A 204 6.97 -16.71 13.05
CA VAL A 204 7.30 -15.93 14.23
C VAL A 204 7.40 -16.82 15.46
N GLU A 205 8.59 -16.93 16.01
CA GLU A 205 8.73 -17.56 17.32
C GLU A 205 8.58 -16.48 18.38
N ALA A 206 7.54 -16.59 19.21
CA ALA A 206 7.23 -15.60 20.21
C ALA A 206 8.43 -15.31 21.12
N GLY A 207 8.71 -14.04 21.35
CA GLY A 207 9.85 -13.63 22.16
C GLY A 207 11.22 -13.81 21.52
N ARG A 208 11.25 -14.17 20.24
CA ARG A 208 12.54 -14.35 19.55
C ARG A 208 12.58 -13.55 18.25
N THR A 209 11.65 -13.83 17.36
CA THR A 209 11.64 -13.23 16.02
C THR A 209 11.40 -11.73 16.05
N VAL A 210 12.24 -10.99 15.33
CA VAL A 210 12.08 -9.55 15.16
C VAL A 210 11.38 -9.28 13.83
N CYS A 211 10.38 -8.40 13.83
CA CYS A 211 9.67 -8.05 12.61
C CYS A 211 9.81 -6.57 12.33
N TYR A 212 10.24 -6.24 11.11
CA TYR A 212 10.53 -4.87 10.72
C TYR A 212 9.77 -4.55 9.45
N ASP A 213 8.92 -3.52 9.52
CA ASP A 213 8.22 -3.07 8.31
C ASP A 213 8.97 -1.89 7.72
N MET A 214 9.27 -1.98 6.42
CA MET A 214 9.90 -0.86 5.74
C MET A 214 8.88 0.25 5.53
N MET A 215 7.60 -0.11 5.50
CA MET A 215 6.52 0.86 5.47
C MET A 215 6.31 1.48 6.84
N TYR A 216 5.75 2.69 6.87
CA TYR A 216 5.27 3.22 8.13
C TYR A 216 4.06 4.13 7.90
N GLY A 217 3.34 4.38 8.98
CA GLY A 217 2.21 5.28 8.99
C GLY A 217 2.08 5.78 10.40
N LYS A 218 1.11 6.65 10.65
CA LYS A 218 0.91 7.18 11.98
C LYS A 218 0.54 6.07 12.94
N GLU A 219 -0.16 5.08 12.41
CA GLU A 219 -0.63 3.93 13.16
C GLU A 219 0.15 2.68 12.72
N PRO A 220 0.25 1.67 13.60
CA PRO A 220 0.87 0.40 13.23
C PRO A 220 0.28 -0.18 11.93
N THR A 221 1.18 -0.53 11.02
CA THR A 221 0.81 -1.09 9.73
C THR A 221 0.16 -2.45 9.92
N PRO A 222 -0.55 -2.94 8.89
CA PRO A 222 -1.10 -4.29 8.97
C PRO A 222 -0.05 -5.35 9.33
N PHE A 223 1.13 -5.29 8.70
CA PHE A 223 2.21 -6.23 9.01
C PHE A 223 2.65 -6.12 10.48
N CYS A 224 2.81 -4.90 10.97
CA CYS A 224 3.17 -4.70 12.36
C CYS A 224 2.12 -5.29 13.30
N GLN A 225 0.83 -5.10 12.99
CA GLN A 225 -0.23 -5.67 13.81
C GLN A 225 -0.14 -7.20 13.85
N TRP A 226 0.08 -7.79 12.68
CA TRP A 226 0.23 -9.24 12.53
C TRP A 226 1.36 -9.76 13.43
N ALA A 227 2.50 -9.08 13.37
CA ALA A 227 3.68 -9.43 14.17
C ALA A 227 3.44 -9.30 15.68
N THR A 228 2.78 -8.23 16.07
CA THR A 228 2.50 -7.97 17.49
C THR A 228 1.57 -9.03 18.08
N LYS A 229 0.53 -9.38 17.33
CA LYS A 229 -0.42 -10.39 17.77
C LYS A 229 0.27 -11.75 17.94
N LEU A 230 1.32 -12.01 17.17
CA LEU A 230 2.03 -13.28 17.28
C LEU A 230 3.16 -13.25 18.32
N GLY A 231 3.32 -12.11 19.00
CA GLY A 231 4.29 -11.98 20.06
C GLY A 231 5.75 -11.87 19.64
N ALA A 232 6.00 -11.24 18.48
CA ALA A 232 7.37 -10.98 18.06
C ALA A 232 8.16 -10.24 19.16
N ALA A 233 9.44 -10.57 19.30
CA ALA A 233 10.30 -9.96 20.31
C ALA A 233 10.37 -8.44 20.17
N LYS A 234 10.51 -7.96 18.94
CA LYS A 234 10.47 -6.53 18.64
C LYS A 234 9.66 -6.32 17.38
N VAL A 235 8.88 -5.25 17.34
CA VAL A 235 8.12 -4.90 16.15
C VAL A 235 8.40 -3.44 15.81
N LEU A 236 8.96 -3.21 14.62
CA LEU A 236 9.34 -1.87 14.19
C LEU A 236 8.72 -1.50 12.86
N ASP A 237 8.47 -0.21 12.64
CA ASP A 237 8.07 0.24 11.31
C ASP A 237 9.21 1.07 10.71
N GLY A 238 8.93 1.71 9.59
CA GLY A 238 9.99 2.30 8.80
C GLY A 238 10.47 3.67 9.24
N LEU A 239 9.97 4.18 10.36
CA LEU A 239 10.35 5.55 10.73
C LEU A 239 11.87 5.73 10.94
N GLY A 240 12.52 4.79 11.63
CA GLY A 240 13.95 4.86 11.84
C GLY A 240 14.73 4.76 10.53
N MET A 241 14.22 3.96 9.61
CA MET A 241 14.84 3.85 8.29
C MET A 241 14.78 5.18 7.57
N LEU A 242 13.62 5.85 7.64
CA LEU A 242 13.47 7.18 7.06
C LEU A 242 14.55 8.13 7.59
N ALA A 243 14.73 8.16 8.90
CA ALA A 243 15.70 9.07 9.50
C ALA A 243 17.13 8.70 9.12
N GLU A 244 17.44 7.41 9.14
CA GLU A 244 18.81 6.99 8.89
C GLU A 244 19.19 7.10 7.41
N GLN A 245 18.25 6.83 6.50
CA GLN A 245 18.57 7.02 5.09
C GLN A 245 18.81 8.51 4.83
N ALA A 246 18.07 9.38 5.52
CA ALA A 246 18.28 10.83 5.36
C ALA A 246 19.64 11.27 5.90
N ALA A 247 20.02 10.75 7.06
CA ALA A 247 21.31 11.08 7.68
C ALA A 247 22.45 10.64 6.78
N GLU A 248 22.29 9.48 6.14
CA GLU A 248 23.33 8.98 5.24
C GLU A 248 23.42 9.91 4.03
N ALA A 249 22.27 10.33 3.50
CA ALA A 249 22.30 11.27 2.38
C ALA A 249 22.94 12.60 2.80
N PHE A 250 22.64 13.05 4.02
CA PHE A 250 23.22 14.30 4.51
C PHE A 250 24.74 14.18 4.53
N PHE A 251 25.23 13.04 4.98
CA PHE A 251 26.68 12.79 5.02
C PHE A 251 27.28 12.74 3.61
N ILE A 252 26.57 12.13 2.67
CA ILE A 252 27.02 12.09 1.27
C ILE A 252 27.17 13.51 0.72
N TRP A 253 26.22 14.37 1.07
CA TRP A 253 26.26 15.76 0.61
C TRP A 253 27.30 16.62 1.31
N ARG A 254 27.34 16.53 2.64
CA ARG A 254 28.03 17.54 3.46
C ARG A 254 29.32 17.01 4.13
N GLY A 255 29.48 15.71 4.23
CA GLY A 255 30.68 15.14 4.80
C GLY A 255 30.70 15.12 6.32
N VAL A 256 29.56 15.41 6.94
CA VAL A 256 29.45 15.29 8.39
C VAL A 256 28.25 14.41 8.71
N ARG A 257 28.38 13.57 9.73
CA ARG A 257 27.29 12.69 10.14
C ARG A 257 26.47 13.32 11.26
N PRO A 258 25.18 13.58 11.00
CA PRO A 258 24.36 14.17 12.06
C PRO A 258 23.88 13.13 13.06
N ASP A 259 23.41 13.57 14.23
CA ASP A 259 22.84 12.67 15.22
C ASP A 259 21.36 12.48 14.92
N THR A 260 20.96 11.25 14.63
CA THR A 260 19.54 11.00 14.32
C THR A 260 18.66 10.90 15.55
N ALA A 261 19.24 10.68 16.72
CA ALA A 261 18.41 10.40 17.88
C ALA A 261 17.48 11.57 18.23
N PRO A 262 18.01 12.80 18.38
CA PRO A 262 17.06 13.89 18.69
C PRO A 262 16.10 14.24 17.54
N VAL A 263 16.46 13.88 16.31
CA VAL A 263 15.56 14.10 15.19
C VAL A 263 14.41 13.10 15.22
N LEU A 264 14.73 11.83 15.44
CA LEU A 264 13.68 10.84 15.65
C LEU A 264 12.82 11.22 16.85
N ALA A 265 13.45 11.77 17.88
CA ALA A 265 12.68 12.18 19.08
C ALA A 265 11.64 13.23 18.70
N GLU A 266 12.03 14.19 17.85
CA GLU A 266 11.05 15.21 17.45
C GLU A 266 9.96 14.61 16.57
N LEU A 267 10.32 13.72 15.65
CA LEU A 267 9.33 13.07 14.78
C LEU A 267 8.33 12.28 15.61
N ARG A 268 8.81 11.58 16.65
CA ARG A 268 7.92 10.80 17.49
C ARG A 268 7.05 11.68 18.36
N ARG A 269 7.57 12.82 18.81
CA ARG A 269 6.75 13.77 19.56
C ARG A 269 5.61 14.31 18.70
N GLN A 270 5.90 14.59 17.44
CA GLN A 270 4.84 15.06 16.56
C GLN A 270 3.82 13.96 16.27
N LEU A 271 4.25 12.71 16.17
CA LEU A 271 3.32 11.60 16.01
C LEU A 271 2.46 11.41 17.27
N ALA A 272 3.06 11.64 18.42
CA ALA A 272 2.34 11.52 19.70
C ALA A 272 1.22 12.57 19.83
N ARG A 273 1.44 13.72 19.21
CA ARG A 273 0.48 14.82 19.21
C ARG A 273 -0.89 14.39 18.65
N GLY A 274 -0.84 13.47 17.69
CA GLY A 274 -2.05 12.83 17.21
C GLY A 274 -2.46 11.68 18.11
N MET B 1 -29.36 -17.39 18.16
CA MET B 1 -29.22 -16.12 17.46
C MET B 1 -28.25 -16.26 16.29
N ASP B 2 -28.59 -15.62 15.18
CA ASP B 2 -27.77 -15.75 13.97
C ASP B 2 -26.41 -15.10 14.17
N GLN B 3 -25.36 -15.84 13.80
CA GLN B 3 -23.98 -15.38 13.96
C GLN B 3 -23.33 -15.03 12.63
N TYR B 4 -22.64 -13.90 12.63
CA TYR B 4 -21.89 -13.41 11.48
C TYR B 4 -20.49 -13.01 11.91
N VAL B 5 -19.52 -13.12 10.99
CA VAL B 5 -18.16 -12.67 11.27
C VAL B 5 -17.55 -11.93 10.12
N VAL B 6 -16.48 -11.19 10.41
CA VAL B 6 -15.57 -10.76 9.35
C VAL B 6 -14.33 -11.66 9.41
N PHE B 7 -13.99 -12.25 8.26
CA PHE B 7 -12.76 -13.03 8.13
C PHE B 7 -11.67 -12.07 7.72
N GLY B 8 -10.60 -12.00 8.50
CA GLY B 8 -9.51 -11.11 8.13
C GLY B 8 -8.24 -11.37 8.90
N ASN B 9 -7.21 -10.61 8.56
CA ASN B 9 -5.92 -10.67 9.24
C ASN B 9 -5.06 -9.52 8.76
N PRO B 10 -4.81 -8.53 9.63
CA PRO B 10 -5.20 -8.44 11.04
C PRO B 10 -6.65 -7.97 11.19
N ILE B 11 -7.27 -8.19 12.35
CA ILE B 11 -8.65 -7.77 12.56
C ILE B 11 -8.82 -6.93 13.81
N GLY B 12 -7.69 -6.61 14.42
CA GLY B 12 -7.62 -5.72 15.57
C GLY B 12 -8.46 -4.46 15.50
N HIS B 13 -8.47 -3.75 14.38
CA HIS B 13 -9.40 -2.64 14.40
C HIS B 13 -10.22 -2.66 13.10
N SER B 14 -10.75 -3.86 12.83
CA SER B 14 -11.75 -4.03 11.79
C SER B 14 -12.97 -3.20 12.12
N LYS B 15 -13.53 -2.56 11.09
CA LYS B 15 -14.74 -1.76 11.25
C LYS B 15 -16.01 -2.56 10.96
N SER B 16 -15.85 -3.77 10.45
CA SER B 16 -17.03 -4.52 9.98
C SER B 16 -18.03 -4.86 11.10
N PRO B 17 -17.56 -5.34 12.27
CA PRO B 17 -18.59 -5.60 13.30
C PRO B 17 -19.33 -4.34 13.76
N LEU B 18 -18.62 -3.24 13.92
CA LEU B 18 -19.28 -1.97 14.23
C LEU B 18 -20.36 -1.62 13.21
N ILE B 19 -20.02 -1.74 11.93
CA ILE B 19 -20.92 -1.38 10.86
C ILE B 19 -22.22 -2.19 10.92
N HIS B 20 -22.08 -3.51 11.00
CA HIS B 20 -23.23 -4.38 10.90
C HIS B 20 -24.03 -4.41 12.19
N ARG B 21 -23.39 -4.12 13.31
CA ARG B 21 -24.14 -3.95 14.57
C ARG B 21 -25.02 -2.72 14.49
N LEU B 22 -24.49 -1.63 13.94
CA LEU B 22 -25.30 -0.44 13.74
C LEU B 22 -26.44 -0.68 12.77
N PHE B 23 -26.15 -1.40 11.68
CA PHE B 23 -27.20 -1.74 10.72
C PHE B 23 -28.30 -2.56 11.39
N ALA B 24 -27.90 -3.51 12.23
CA ALA B 24 -28.85 -4.42 12.87
C ALA B 24 -29.73 -3.65 13.85
N GLU B 25 -29.13 -2.72 14.57
CA GLU B 25 -29.91 -1.88 15.51
C GLU B 25 -30.96 -1.06 14.78
N GLN B 26 -30.58 -0.43 13.67
CA GLN B 26 -31.49 0.33 12.82
C GLN B 26 -32.71 -0.42 12.34
N THR B 27 -32.47 -1.68 11.98
CA THR B 27 -33.46 -2.45 11.23
C THR B 27 -34.12 -3.53 12.07
N GLY B 28 -33.85 -3.52 13.37
CA GLY B 28 -34.45 -4.49 14.27
C GLY B 28 -34.09 -5.94 14.02
N GLN B 29 -32.89 -6.16 13.51
CA GLN B 29 -32.46 -7.51 13.22
C GLN B 29 -31.71 -8.12 14.39
N ASP B 30 -32.09 -9.35 14.73
CA ASP B 30 -31.51 -10.07 15.85
C ASP B 30 -30.31 -10.90 15.41
N LEU B 31 -29.13 -10.33 15.53
CA LEU B 31 -27.92 -11.05 15.14
C LEU B 31 -26.71 -10.59 15.94
N GLU B 32 -25.67 -11.40 15.94
CA GLU B 32 -24.41 -10.99 16.54
C GLU B 32 -23.29 -11.02 15.50
N TYR B 33 -22.35 -10.09 15.64
CA TYR B 33 -21.23 -9.98 14.71
C TYR B 33 -19.95 -10.00 15.50
N ALA B 34 -18.91 -10.60 14.92
CA ALA B 34 -17.63 -10.71 15.59
C ALA B 34 -16.51 -10.76 14.59
N THR B 35 -15.29 -10.57 15.05
CA THR B 35 -14.13 -10.78 14.19
C THR B 35 -13.73 -12.24 14.23
N LEU B 36 -13.19 -12.74 13.13
CA LEU B 36 -12.57 -14.05 13.13
C LEU B 36 -11.19 -13.91 12.49
N LEU B 37 -10.16 -14.02 13.32
CA LEU B 37 -8.79 -13.91 12.84
C LEU B 37 -8.36 -15.18 12.13
N ALA B 38 -8.16 -15.07 10.83
CA ALA B 38 -7.73 -16.22 10.04
C ALA B 38 -6.24 -16.12 9.78
N PRO B 39 -5.48 -17.14 10.21
CA PRO B 39 -4.07 -17.20 9.79
C PRO B 39 -4.01 -17.06 8.27
N LEU B 40 -3.02 -16.35 7.76
CA LEU B 40 -3.03 -15.97 6.36
C LEU B 40 -3.04 -17.16 5.41
N ASP B 41 -2.61 -18.32 5.92
CA ASP B 41 -2.56 -19.52 5.09
C ASP B 41 -3.61 -20.56 5.49
N GLU B 42 -4.55 -20.17 6.35
CA GLU B 42 -5.55 -21.14 6.83
C GLU B 42 -7.01 -20.70 6.67
N PHE B 43 -7.27 -19.81 5.72
CA PHE B 43 -8.61 -19.25 5.57
C PHE B 43 -9.69 -20.30 5.36
N SER B 44 -9.48 -21.19 4.39
CA SER B 44 -10.52 -22.15 4.04
C SER B 44 -10.90 -23.03 5.24
N ASP B 45 -9.91 -23.41 6.04
CA ASP B 45 -10.20 -24.18 7.25
C ASP B 45 -11.00 -23.36 8.28
N CYS B 46 -10.65 -22.08 8.45
CA CYS B 46 -11.40 -21.17 9.33
C CYS B 46 -12.85 -21.04 8.90
N ALA B 47 -13.06 -20.88 7.61
CA ALA B 47 -14.39 -20.69 7.06
C ALA B 47 -15.24 -21.95 7.24
N ARG B 48 -14.68 -23.10 6.92
CA ARG B 48 -15.41 -24.37 7.07
C ARG B 48 -15.85 -24.56 8.52
N GLY B 49 -14.94 -24.26 9.44
CA GLY B 49 -15.24 -24.33 10.85
C GLY B 49 -16.37 -23.40 11.24
N PHE B 50 -16.30 -22.15 10.80
CA PHE B 50 -17.33 -21.19 11.19
C PHE B 50 -18.72 -21.55 10.66
N PHE B 51 -18.79 -22.11 9.46
CA PHE B 51 -20.10 -22.30 8.83
C PHE B 51 -20.77 -23.62 9.18
N LYS B 52 -20.23 -24.33 10.18
CA LYS B 52 -20.99 -25.40 10.79
C LYS B 52 -22.24 -24.84 11.47
N GLN B 53 -22.10 -23.70 12.14
CA GLN B 53 -23.21 -23.08 12.84
C GLN B 53 -23.47 -21.62 12.45
N GLY B 54 -22.55 -21.01 11.72
CA GLY B 54 -22.69 -19.59 11.41
C GLY B 54 -23.64 -19.31 10.26
N SER B 55 -24.12 -18.06 10.17
CA SER B 55 -25.08 -17.67 9.16
C SER B 55 -24.46 -16.96 7.96
N GLY B 56 -23.38 -16.24 8.20
CA GLY B 56 -22.78 -15.46 7.13
C GLY B 56 -21.51 -14.78 7.57
N GLY B 57 -20.79 -14.22 6.61
CA GLY B 57 -19.58 -13.49 6.96
C GLY B 57 -19.06 -12.68 5.82
N ASN B 58 -18.38 -11.58 6.11
CA ASN B 58 -17.72 -10.86 5.05
C ASN B 58 -16.26 -11.26 4.98
N VAL B 59 -15.71 -11.23 3.78
CA VAL B 59 -14.35 -11.69 3.50
C VAL B 59 -13.52 -10.50 3.05
N THR B 60 -12.40 -10.27 3.74
CA THR B 60 -11.54 -9.12 3.43
C THR B 60 -10.37 -9.58 2.59
N VAL B 61 -9.71 -8.63 1.93
CA VAL B 61 -8.42 -8.88 1.30
C VAL B 61 -7.51 -9.41 2.43
N PRO B 62 -6.71 -10.45 2.16
CA PRO B 62 -6.40 -11.08 0.87
C PRO B 62 -7.10 -12.38 0.59
N PHE B 63 -8.33 -12.54 1.09
CA PHE B 63 -8.96 -13.85 1.10
C PHE B 63 -10.09 -14.03 0.08
N LYS B 64 -10.35 -13.01 -0.74
CA LYS B 64 -11.57 -12.99 -1.58
C LYS B 64 -11.55 -14.02 -2.72
N GLU B 65 -10.38 -14.26 -3.30
CA GLU B 65 -10.26 -15.26 -4.35
C GLU B 65 -10.41 -16.68 -3.80
N GLU B 66 -9.81 -16.93 -2.64
CA GLU B 66 -9.96 -18.21 -1.98
C GLU B 66 -11.42 -18.46 -1.64
N ALA B 67 -12.11 -17.43 -1.15
CA ALA B 67 -13.53 -17.55 -0.83
C ALA B 67 -14.34 -17.94 -2.08
N PHE B 68 -14.00 -17.35 -3.22
CA PHE B 68 -14.65 -17.65 -4.50
C PHE B 68 -14.62 -19.15 -4.80
N ARG B 69 -13.46 -19.79 -4.56
CA ARG B 69 -13.31 -21.21 -4.82
C ARG B 69 -14.00 -22.11 -3.79
N LEU B 70 -14.22 -21.58 -2.59
CA LEU B 70 -14.77 -22.37 -1.49
C LEU B 70 -16.29 -22.54 -1.57
N CYS B 71 -16.98 -21.59 -2.21
CA CYS B 71 -18.44 -21.57 -2.29
C CYS B 71 -19.07 -22.73 -3.03
N ASP B 72 -20.28 -23.07 -2.62
CA ASP B 72 -21.09 -24.06 -3.32
C ASP B 72 -21.84 -23.42 -4.48
N SER B 73 -22.29 -22.19 -4.29
CA SER B 73 -22.94 -21.44 -5.34
C SER B 73 -22.40 -20.00 -5.36
N LEU B 74 -22.53 -19.36 -6.51
CA LEU B 74 -21.99 -18.03 -6.74
C LEU B 74 -23.04 -17.21 -7.47
N THR B 75 -23.26 -16.00 -6.98
CA THR B 75 -24.16 -15.07 -7.67
C THR B 75 -23.57 -14.69 -9.01
N PRO B 76 -24.41 -14.19 -9.93
CA PRO B 76 -23.88 -13.74 -11.22
C PRO B 76 -22.75 -12.71 -11.08
N ARG B 77 -22.93 -11.72 -10.22
CA ARG B 77 -21.91 -10.69 -10.12
C ARG B 77 -20.63 -11.24 -9.48
N ALA B 78 -20.75 -12.26 -8.64
CA ALA B 78 -19.53 -12.86 -8.07
C ALA B 78 -18.80 -13.65 -9.14
N ARG B 79 -19.57 -14.30 -10.02
CA ARG B 79 -19.00 -15.05 -11.12
C ARG B 79 -18.11 -14.14 -11.98
N ARG B 80 -18.65 -12.97 -12.33
CA ARG B 80 -17.94 -11.99 -13.15
C ARG B 80 -16.76 -11.39 -12.40
N ALA B 81 -16.92 -11.16 -11.11
CA ALA B 81 -15.83 -10.58 -10.31
C ALA B 81 -14.65 -11.52 -10.06
N GLY B 82 -14.89 -12.83 -10.05
CA GLY B 82 -13.83 -13.79 -9.78
C GLY B 82 -13.38 -13.78 -8.34
N ALA B 83 -14.17 -13.08 -7.51
CA ALA B 83 -13.83 -12.89 -6.10
C ALA B 83 -15.12 -12.78 -5.29
N VAL B 84 -15.07 -13.21 -4.04
CA VAL B 84 -16.23 -13.15 -3.15
C VAL B 84 -15.89 -12.36 -1.89
N ASN B 85 -16.70 -11.35 -1.57
CA ASN B 85 -16.48 -10.61 -0.30
C ASN B 85 -17.60 -10.87 0.71
N THR B 86 -18.60 -11.65 0.31
CA THR B 86 -19.77 -11.89 1.17
C THR B 86 -20.19 -13.36 1.06
N LEU B 87 -20.22 -14.05 2.21
CA LEU B 87 -20.61 -15.46 2.29
C LEU B 87 -21.94 -15.58 3.04
N SER B 88 -22.85 -16.41 2.53
CA SER B 88 -24.15 -16.64 3.17
C SER B 88 -24.46 -18.12 3.19
N LYS B 89 -24.84 -18.65 4.36
CA LYS B 89 -25.33 -20.01 4.43
C LYS B 89 -26.81 -20.02 4.04
N LEU B 90 -27.16 -20.94 3.15
CA LEU B 90 -28.55 -21.03 2.67
C LEU B 90 -29.33 -22.05 3.48
N ALA B 91 -30.64 -22.09 3.28
CA ALA B 91 -31.49 -22.97 4.08
C ALA B 91 -31.21 -24.45 3.85
N ASP B 92 -30.58 -24.79 2.72
CA ASP B 92 -30.24 -26.19 2.45
C ASP B 92 -28.82 -26.52 2.92
N GLY B 93 -28.22 -25.61 3.68
CA GLY B 93 -26.92 -25.84 4.29
C GLY B 93 -25.74 -25.49 3.39
N THR B 94 -26.02 -25.10 2.16
CA THR B 94 -24.94 -24.76 1.25
C THR B 94 -24.43 -23.35 1.52
N LEU B 95 -23.29 -23.04 0.91
CA LEU B 95 -22.64 -21.74 1.11
C LEU B 95 -22.59 -20.97 -0.20
N GLN B 96 -23.22 -19.80 -0.21
CA GLN B 96 -23.28 -18.96 -1.40
C GLN B 96 -22.34 -17.76 -1.27
N GLY B 97 -21.61 -17.48 -2.35
CA GLY B 97 -20.74 -16.32 -2.37
C GLY B 97 -21.29 -15.22 -3.25
N ASP B 98 -21.17 -14.00 -2.76
CA ASP B 98 -21.59 -12.82 -3.51
C ASP B 98 -20.45 -11.85 -3.53
N ASN B 99 -20.53 -10.86 -4.41
CA ASN B 99 -19.57 -9.78 -4.39
C ASN B 99 -20.32 -8.46 -4.40
N THR B 100 -20.22 -7.72 -3.30
CA THR B 100 -20.93 -6.46 -3.17
C THR B 100 -20.02 -5.25 -3.36
N ASP B 101 -18.75 -5.48 -3.63
CA ASP B 101 -17.78 -4.40 -3.76
C ASP B 101 -18.14 -3.45 -4.92
N GLY B 102 -18.44 -4.04 -6.06
CA GLY B 102 -18.80 -3.27 -7.25
C GLY B 102 -20.05 -2.45 -6.98
N ALA B 103 -21.07 -3.09 -6.41
CA ALA B 103 -22.30 -2.39 -6.06
C ALA B 103 -22.04 -1.21 -5.13
N GLY B 104 -21.17 -1.43 -4.15
CA GLY B 104 -20.84 -0.40 -3.19
C GLY B 104 -20.16 0.80 -3.82
N LEU B 105 -19.21 0.53 -4.72
CA LEU B 105 -18.48 1.62 -5.36
C LEU B 105 -19.43 2.44 -6.19
N VAL B 106 -20.26 1.76 -6.99
CA VAL B 106 -21.11 2.47 -7.93
C VAL B 106 -22.21 3.23 -7.18
N ARG B 107 -22.73 2.65 -6.10
CA ARG B 107 -23.70 3.35 -5.28
C ARG B 107 -23.09 4.62 -4.68
N ASP B 108 -21.89 4.51 -4.12
CA ASP B 108 -21.23 5.66 -3.50
C ASP B 108 -20.97 6.73 -4.55
N LEU B 109 -20.47 6.33 -5.72
CA LEU B 109 -20.10 7.28 -6.77
C LEU B 109 -21.32 7.98 -7.34
N THR B 110 -22.32 7.21 -7.76
CA THR B 110 -23.45 7.76 -8.52
C THR B 110 -24.54 8.35 -7.63
N VAL B 111 -24.77 7.73 -6.47
CA VAL B 111 -25.84 8.17 -5.60
C VAL B 111 -25.33 9.14 -4.56
N ASN B 112 -24.43 8.69 -3.70
CA ASN B 112 -23.91 9.55 -2.63
C ASN B 112 -23.18 10.78 -3.14
N ALA B 113 -22.34 10.61 -4.16
CA ALA B 113 -21.56 11.73 -4.68
C ALA B 113 -22.20 12.36 -5.91
N GLY B 114 -23.22 11.71 -6.45
CA GLY B 114 -24.01 12.27 -7.54
C GLY B 114 -23.26 12.39 -8.86
N VAL B 115 -22.36 11.45 -9.12
CA VAL B 115 -21.55 11.50 -10.33
C VAL B 115 -22.19 10.67 -11.43
N GLU B 116 -22.39 11.27 -12.59
CA GLU B 116 -22.97 10.54 -13.72
C GLU B 116 -21.87 9.78 -14.46
N LEU B 117 -22.18 8.56 -14.90
CA LEU B 117 -21.23 7.74 -15.64
C LEU B 117 -21.64 7.51 -17.10
N ALA B 118 -22.93 7.64 -17.38
CA ALA B 118 -23.44 7.39 -18.73
C ALA B 118 -22.79 8.32 -19.76
N GLY B 119 -22.19 7.73 -20.78
CA GLY B 119 -21.58 8.50 -21.85
C GLY B 119 -20.30 9.21 -21.46
N LYS B 120 -19.75 8.85 -20.30
CA LYS B 120 -18.52 9.49 -19.81
C LYS B 120 -17.28 8.69 -20.16
N ARG B 121 -16.13 9.35 -20.14
CA ARG B 121 -14.84 8.68 -20.26
C ARG B 121 -14.31 8.38 -18.87
N ILE B 122 -14.08 7.10 -18.62
CA ILE B 122 -13.65 6.64 -17.30
C ILE B 122 -12.28 6.00 -17.40
N LEU B 123 -11.38 6.39 -16.50
CA LEU B 123 -10.04 5.82 -16.44
C LEU B 123 -9.91 5.10 -15.10
N ILE B 124 -9.54 3.83 -15.13
CA ILE B 124 -9.20 3.13 -13.88
C ILE B 124 -7.71 2.86 -13.82
N LEU B 125 -7.10 3.22 -12.69
CA LEU B 125 -5.68 2.99 -12.50
C LEU B 125 -5.48 1.67 -11.77
N GLY B 126 -4.94 0.69 -12.48
CA GLY B 126 -4.68 -0.62 -11.90
C GLY B 126 -5.45 -1.69 -12.65
N ALA B 127 -5.11 -2.95 -12.42
CA ALA B 127 -5.74 -4.05 -13.15
C ALA B 127 -5.83 -5.33 -12.31
N GLY B 128 -5.86 -5.15 -11.00
CA GLY B 128 -5.90 -6.28 -10.09
C GLY B 128 -7.30 -6.81 -9.85
N GLY B 129 -7.43 -7.68 -8.86
CA GLY B 129 -8.71 -8.26 -8.52
C GLY B 129 -9.72 -7.21 -8.10
N ALA B 130 -9.25 -6.12 -7.50
CA ALA B 130 -10.14 -5.05 -7.09
C ALA B 130 -10.86 -4.44 -8.28
N VAL B 131 -10.15 -4.33 -9.41
CA VAL B 131 -10.77 -3.83 -10.63
C VAL B 131 -11.76 -4.84 -11.20
N ARG B 132 -11.36 -6.11 -11.25
CA ARG B 132 -12.25 -7.15 -11.76
C ARG B 132 -13.56 -7.11 -10.98
N GLY B 133 -13.50 -6.77 -9.69
CA GLY B 133 -14.67 -6.75 -8.85
C GLY B 133 -15.65 -5.59 -9.06
N VAL B 134 -15.24 -4.57 -9.82
CA VAL B 134 -16.11 -3.41 -10.00
C VAL B 134 -16.44 -3.08 -11.45
N LEU B 135 -15.84 -3.78 -12.41
CA LEU B 135 -16.01 -3.41 -13.81
C LEU B 135 -17.46 -3.55 -14.29
N GLU B 136 -18.11 -4.65 -13.91
CA GLU B 136 -19.46 -4.93 -14.43
C GLU B 136 -20.50 -3.87 -14.05
N PRO B 137 -20.63 -3.53 -12.75
CA PRO B 137 -21.65 -2.50 -12.46
C PRO B 137 -21.28 -1.12 -12.99
N ILE B 138 -20.00 -0.86 -13.24
CA ILE B 138 -19.65 0.42 -13.87
C ILE B 138 -20.14 0.41 -15.31
N LEU B 139 -19.83 -0.68 -16.00
CA LEU B 139 -20.18 -0.83 -17.41
C LEU B 139 -21.69 -0.83 -17.61
N ALA B 140 -22.43 -1.22 -16.57
CA ALA B 140 -23.89 -1.20 -16.64
C ALA B 140 -24.44 0.21 -16.81
N HIS B 141 -23.67 1.22 -16.42
CA HIS B 141 -24.12 2.61 -16.54
C HIS B 141 -23.82 3.18 -17.92
N LYS B 142 -23.24 2.35 -18.79
CA LYS B 142 -23.00 2.70 -20.19
C LYS B 142 -22.10 3.92 -20.42
N PRO B 143 -20.85 3.85 -19.94
CA PRO B 143 -19.91 4.93 -20.23
C PRO B 143 -19.57 4.93 -21.71
N GLN B 144 -19.08 6.06 -22.23
CA GLN B 144 -18.60 6.10 -23.61
C GLN B 144 -17.37 5.19 -23.79
N SER B 145 -16.49 5.18 -22.80
CA SER B 145 -15.33 4.31 -22.84
C SER B 145 -14.73 4.15 -21.45
N LEU B 146 -14.03 3.06 -21.24
CA LEU B 146 -13.39 2.79 -19.96
C LEU B 146 -12.00 2.24 -20.23
N VAL B 147 -10.98 3.01 -19.87
CA VAL B 147 -9.61 2.53 -19.99
C VAL B 147 -9.15 1.95 -18.64
N ILE B 148 -8.62 0.73 -18.70
CA ILE B 148 -7.87 0.14 -17.60
C ILE B 148 -6.40 0.35 -17.89
N ALA B 149 -5.73 1.18 -17.08
CA ALA B 149 -4.31 1.46 -17.30
C ALA B 149 -3.45 0.80 -16.21
N ASN B 150 -2.37 0.15 -16.63
CA ASN B 150 -1.52 -0.60 -15.70
C ASN B 150 -0.05 -0.56 -16.09
N ARG B 151 0.82 -0.71 -15.08
CA ARG B 151 2.26 -0.84 -15.25
C ARG B 151 2.63 -1.88 -16.30
N THR B 152 1.95 -3.01 -16.22
CA THR B 152 2.12 -4.14 -17.13
C THR B 152 0.86 -4.20 -17.94
N VAL B 153 0.94 -3.80 -19.20
CA VAL B 153 -0.26 -3.65 -20.00
C VAL B 153 -0.96 -4.99 -20.28
N GLU B 154 -0.20 -6.07 -20.43
CA GLU B 154 -0.81 -7.38 -20.73
C GLU B 154 -1.82 -7.79 -19.66
N LYS B 155 -1.56 -7.40 -18.42
CA LYS B 155 -2.45 -7.69 -17.31
C LYS B 155 -3.78 -6.94 -17.46
N ALA B 156 -3.70 -5.70 -17.92
CA ALA B 156 -4.90 -4.93 -18.21
C ALA B 156 -5.60 -5.49 -19.44
N GLU B 157 -4.80 -5.96 -20.41
CA GLU B 157 -5.36 -6.52 -21.63
C GLU B 157 -6.13 -7.81 -21.33
N GLN B 158 -5.61 -8.65 -20.44
CA GLN B 158 -6.34 -9.85 -20.04
C GLN B 158 -7.70 -9.47 -19.44
N LEU B 159 -7.71 -8.48 -18.56
CA LEU B 159 -8.97 -7.99 -17.96
C LEU B 159 -9.93 -7.41 -18.99
N ALA B 160 -9.40 -6.59 -19.90
CA ALA B 160 -10.26 -5.94 -20.90
C ALA B 160 -10.98 -6.98 -21.77
N ARG B 161 -10.30 -8.08 -22.09
CA ARG B 161 -10.89 -9.12 -22.93
C ARG B 161 -11.95 -9.94 -22.19
N GLU B 162 -11.80 -10.07 -20.88
CA GLU B 162 -12.83 -10.70 -20.06
C GLU B 162 -14.12 -9.88 -20.06
N PHE B 163 -14.04 -8.60 -20.42
CA PHE B 163 -15.17 -7.70 -20.20
C PHE B 163 -15.67 -6.91 -21.41
N ASP B 164 -14.96 -6.96 -22.54
CA ASP B 164 -15.36 -6.10 -23.65
C ASP B 164 -16.68 -6.57 -24.29
N GLU B 165 -17.14 -7.76 -23.91
CA GLU B 165 -18.48 -8.21 -24.28
C GLU B 165 -19.54 -7.38 -23.55
N LEU B 166 -19.15 -6.75 -22.44
CA LEU B 166 -20.10 -6.02 -21.59
C LEU B 166 -20.10 -4.52 -21.86
N GLY B 167 -19.05 -4.02 -22.50
CA GLY B 167 -18.94 -2.59 -22.76
C GLY B 167 -17.62 -2.20 -23.38
N PRO B 168 -17.42 -0.89 -23.59
CA PRO B 168 -16.22 -0.38 -24.28
C PRO B 168 -15.01 -0.29 -23.37
N VAL B 169 -14.50 -1.43 -22.95
CA VAL B 169 -13.32 -1.48 -22.09
C VAL B 169 -12.05 -1.67 -22.91
N VAL B 170 -11.06 -0.82 -22.69
CA VAL B 170 -9.79 -0.97 -23.39
C VAL B 170 -8.61 -0.87 -22.41
N ALA B 171 -7.56 -1.64 -22.70
CA ALA B 171 -6.36 -1.62 -21.88
C ALA B 171 -5.32 -0.65 -22.40
N SER B 172 -4.51 -0.10 -21.49
CA SER B 172 -3.52 0.89 -21.87
C SER B 172 -2.38 0.92 -20.87
N GLY B 173 -1.25 1.47 -21.30
CA GLY B 173 -0.22 1.89 -20.37
C GLY B 173 -0.48 3.31 -19.93
N PHE B 174 0.51 3.94 -19.31
CA PHE B 174 0.34 5.29 -18.78
C PHE B 174 0.92 6.37 -19.69
N ALA B 175 1.92 6.00 -20.49
CA ALA B 175 2.76 6.99 -21.17
C ALA B 175 2.01 7.81 -22.23
N TRP B 176 0.95 7.24 -22.80
CA TRP B 176 0.25 7.92 -23.89
C TRP B 176 -1.05 8.60 -23.46
N LEU B 177 -1.38 8.50 -22.18
CA LEU B 177 -2.59 9.14 -21.68
C LEU B 177 -2.39 10.63 -21.53
N GLN B 178 -3.20 11.41 -22.23
CA GLN B 178 -2.98 12.85 -22.30
C GLN B 178 -4.25 13.66 -22.04
N GLU B 179 -5.36 13.29 -22.71
CA GLU B 179 -6.59 14.09 -22.61
C GLU B 179 -7.22 13.99 -21.22
N PRO B 180 -7.87 15.08 -20.79
CA PRO B 180 -8.65 15.02 -19.55
C PRO B 180 -9.76 13.99 -19.64
N VAL B 181 -10.08 13.34 -18.54
CA VAL B 181 -11.16 12.37 -18.52
C VAL B 181 -12.23 12.83 -17.55
N ASP B 182 -13.38 12.18 -17.58
CA ASP B 182 -14.48 12.58 -16.73
C ASP B 182 -14.34 12.02 -15.31
N VAL B 183 -13.90 10.77 -15.21
CA VAL B 183 -13.76 10.13 -13.91
C VAL B 183 -12.47 9.31 -13.85
N ILE B 184 -11.65 9.54 -12.83
CA ILE B 184 -10.48 8.69 -12.59
C ILE B 184 -10.74 7.88 -11.32
N ILE B 185 -10.68 6.56 -11.41
CA ILE B 185 -10.78 5.70 -10.24
C ILE B 185 -9.43 5.06 -9.96
N ASN B 186 -8.94 5.25 -8.75
CA ASN B 186 -7.67 4.64 -8.35
C ASN B 186 -7.90 3.30 -7.69
N ALA B 187 -7.29 2.25 -8.24
CA ALA B 187 -7.50 0.90 -7.72
C ALA B 187 -6.21 0.20 -7.33
N THR B 188 -5.12 0.95 -7.25
CA THR B 188 -3.83 0.36 -6.93
C THR B 188 -3.58 0.37 -5.44
N SER B 189 -3.43 -0.82 -4.84
CA SER B 189 -3.10 -0.93 -3.43
C SER B 189 -1.76 -0.28 -3.10
N ALA B 190 -0.80 -0.43 -4.00
CA ALA B 190 0.55 0.10 -3.78
C ALA B 190 0.58 1.63 -3.72
N SER B 191 -0.47 2.29 -4.22
CA SER B 191 -0.54 3.75 -4.18
C SER B 191 -0.53 4.32 -2.76
N LEU B 192 -1.00 3.55 -1.77
CA LEU B 192 -0.99 4.00 -0.37
C LEU B 192 0.43 4.21 0.13
N ALA B 193 1.37 3.49 -0.48
CA ALA B 193 2.78 3.56 -0.14
C ALA B 193 3.46 4.63 -0.96
N GLY B 194 2.68 5.36 -1.76
CA GLY B 194 3.21 6.40 -2.63
C GLY B 194 3.49 5.97 -4.06
N GLU B 195 3.18 4.72 -4.41
CA GLU B 195 3.42 4.23 -5.75
C GLU B 195 2.29 4.66 -6.68
N LEU B 196 2.23 5.97 -6.96
CA LEU B 196 1.34 6.51 -7.99
C LEU B 196 1.98 6.28 -9.37
N PRO B 197 1.16 6.04 -10.40
CA PRO B 197 1.68 5.82 -11.76
C PRO B 197 2.15 7.10 -12.44
N PRO B 198 2.94 6.98 -13.51
CA PRO B 198 3.50 8.17 -14.15
C PRO B 198 2.50 8.82 -15.11
N ILE B 199 1.46 9.43 -14.54
CA ILE B 199 0.39 9.99 -15.36
C ILE B 199 0.41 11.51 -15.40
N ALA B 200 -0.04 12.06 -16.53
CA ALA B 200 -0.01 13.49 -16.75
C ALA B 200 -0.98 14.27 -15.88
N ASP B 201 -0.59 15.49 -15.52
CA ASP B 201 -1.47 16.44 -14.85
C ASP B 201 -2.71 16.72 -15.70
N SER B 202 -2.56 16.66 -17.02
CA SER B 202 -3.63 17.03 -17.94
C SER B 202 -4.81 16.07 -17.88
N LEU B 203 -4.63 14.91 -17.25
CA LEU B 203 -5.74 13.98 -17.12
C LEU B 203 -6.86 14.56 -16.27
N VAL B 204 -6.51 15.50 -15.40
CA VAL B 204 -7.50 16.18 -14.58
C VAL B 204 -7.81 17.54 -15.18
N GLU B 205 -9.04 17.73 -15.63
CA GLU B 205 -9.52 19.06 -15.99
C GLU B 205 -10.11 19.70 -14.76
N ALA B 206 -9.49 20.78 -14.30
CA ALA B 206 -9.93 21.43 -13.07
C ALA B 206 -11.40 21.82 -13.17
N GLY B 207 -12.15 21.54 -12.11
CA GLY B 207 -13.57 21.85 -12.07
C GLY B 207 -14.46 20.92 -12.86
N ARG B 208 -13.89 19.86 -13.44
CA ARG B 208 -14.67 18.91 -14.22
C ARG B 208 -14.43 17.46 -13.80
N THR B 209 -13.16 17.06 -13.82
CA THR B 209 -12.79 15.67 -13.56
C THR B 209 -13.09 15.26 -12.12
N VAL B 210 -13.69 14.09 -11.95
CA VAL B 210 -13.96 13.54 -10.64
C VAL B 210 -12.90 12.48 -10.36
N CYS B 211 -12.33 12.50 -9.16
CA CYS B 211 -11.34 11.50 -8.78
C CYS B 211 -11.80 10.71 -7.57
N TYR B 212 -11.80 9.39 -7.70
CA TYR B 212 -12.30 8.51 -6.67
C TYR B 212 -11.23 7.48 -6.30
N ASP B 213 -10.81 7.49 -5.04
CA ASP B 213 -9.85 6.50 -4.57
C ASP B 213 -10.59 5.34 -3.95
N MET B 214 -10.29 4.13 -4.40
CA MET B 214 -10.84 2.95 -3.76
C MET B 214 -10.20 2.76 -2.38
N MET B 215 -9.02 3.34 -2.19
CA MET B 215 -8.33 3.31 -0.90
C MET B 215 -8.87 4.37 0.04
N TYR B 216 -8.64 4.17 1.33
CA TYR B 216 -8.86 5.24 2.29
C TYR B 216 -7.85 5.09 3.43
N GLY B 217 -7.70 6.13 4.23
CA GLY B 217 -6.85 6.06 5.41
C GLY B 217 -7.16 7.23 6.34
N LYS B 218 -6.51 7.23 7.49
CA LYS B 218 -6.68 8.34 8.43
C LYS B 218 -6.18 9.64 7.79
N GLU B 219 -5.07 9.56 7.06
CA GLU B 219 -4.56 10.70 6.29
C GLU B 219 -5.12 10.67 4.86
N PRO B 220 -5.27 11.85 4.22
CA PRO B 220 -5.66 11.86 2.81
C PRO B 220 -4.68 11.02 2.02
N THR B 221 -5.21 10.17 1.14
CA THR B 221 -4.36 9.24 0.42
C THR B 221 -3.50 10.01 -0.56
N PRO B 222 -2.39 9.40 -1.02
CA PRO B 222 -1.56 10.10 -2.01
C PRO B 222 -2.34 10.46 -3.27
N PHE B 223 -3.18 9.54 -3.76
CA PHE B 223 -4.00 9.85 -4.93
C PHE B 223 -4.96 11.02 -4.69
N CYS B 224 -5.59 11.04 -3.51
CA CYS B 224 -6.51 12.12 -3.18
C CYS B 224 -5.78 13.46 -3.09
N GLN B 225 -4.58 13.46 -2.53
CA GLN B 225 -3.78 14.69 -2.46
C GLN B 225 -3.42 15.20 -3.84
N TRP B 226 -3.03 14.27 -4.72
CA TRP B 226 -2.69 14.59 -6.11
C TRP B 226 -3.87 15.24 -6.82
N ALA B 227 -5.04 14.63 -6.66
CA ALA B 227 -6.25 15.08 -7.33
C ALA B 227 -6.68 16.46 -6.83
N THR B 228 -6.58 16.65 -5.52
CA THR B 228 -6.98 17.92 -4.90
C THR B 228 -6.10 19.06 -5.38
N LYS B 229 -4.80 18.80 -5.43
CA LYS B 229 -3.86 19.81 -5.87
C LYS B 229 -4.13 20.27 -7.31
N LEU B 230 -4.70 19.37 -8.11
CA LEU B 230 -5.00 19.64 -9.51
C LEU B 230 -6.38 20.25 -9.72
N GLY B 231 -7.13 20.40 -8.64
CA GLY B 231 -8.41 21.07 -8.72
C GLY B 231 -9.53 20.22 -9.30
N ALA B 232 -9.48 18.91 -9.04
CA ALA B 232 -10.58 18.04 -9.42
C ALA B 232 -11.92 18.55 -8.84
N ALA B 233 -12.98 18.39 -9.63
CA ALA B 233 -14.33 18.81 -9.24
C ALA B 233 -14.78 18.16 -7.94
N LYS B 234 -14.55 16.85 -7.83
CA LYS B 234 -14.79 16.14 -6.58
C LYS B 234 -13.63 15.19 -6.34
N VAL B 235 -13.21 15.10 -5.10
CA VAL B 235 -12.20 14.12 -4.69
C VAL B 235 -12.77 13.28 -3.56
N LEU B 236 -12.90 11.98 -3.80
CA LEU B 236 -13.55 11.08 -2.88
C LEU B 236 -12.61 9.95 -2.50
N ASP B 237 -12.69 9.45 -1.27
CA ASP B 237 -11.95 8.23 -0.94
C ASP B 237 -12.89 7.03 -0.84
N GLY B 238 -12.37 5.92 -0.37
CA GLY B 238 -13.08 4.65 -0.43
C GLY B 238 -13.94 4.32 0.77
N LEU B 239 -14.05 5.25 1.72
CA LEU B 239 -14.81 4.96 2.94
C LEU B 239 -16.29 4.78 2.59
N GLY B 240 -16.80 5.58 1.66
CA GLY B 240 -18.19 5.43 1.22
C GLY B 240 -18.41 4.09 0.53
N MET B 241 -17.42 3.65 -0.23
CA MET B 241 -17.49 2.32 -0.84
C MET B 241 -17.60 1.22 0.24
N LEU B 242 -16.82 1.39 1.31
CA LEU B 242 -16.85 0.43 2.41
C LEU B 242 -18.24 0.35 3.01
N ALA B 243 -18.84 1.52 3.24
CA ALA B 243 -20.15 1.58 3.87
C ALA B 243 -21.22 0.97 2.98
N GLU B 244 -21.15 1.30 1.69
CA GLU B 244 -22.20 0.84 0.78
C GLU B 244 -22.05 -0.63 0.42
N GLN B 245 -20.83 -1.13 0.28
CA GLN B 245 -20.69 -2.55 0.01
C GLN B 245 -21.17 -3.32 1.23
N ALA B 246 -20.95 -2.79 2.43
CA ALA B 246 -21.40 -3.46 3.63
C ALA B 246 -22.92 -3.43 3.73
N ALA B 247 -23.51 -2.30 3.36
CA ALA B 247 -24.98 -2.18 3.41
C ALA B 247 -25.62 -3.16 2.43
N GLU B 248 -24.99 -3.36 1.27
CA GLU B 248 -25.49 -4.34 0.31
C GLU B 248 -25.38 -5.74 0.87
N ALA B 249 -24.24 -6.08 1.49
CA ALA B 249 -24.11 -7.37 2.15
C ALA B 249 -25.19 -7.57 3.20
N PHE B 250 -25.47 -6.53 3.97
CA PHE B 250 -26.46 -6.62 5.02
C PHE B 250 -27.83 -6.92 4.40
N PHE B 251 -28.14 -6.24 3.30
CA PHE B 251 -29.37 -6.47 2.57
C PHE B 251 -29.46 -7.90 2.05
N ILE B 252 -28.36 -8.39 1.50
CA ILE B 252 -28.31 -9.79 1.01
C ILE B 252 -28.57 -10.78 2.16
N TRP B 253 -28.05 -10.50 3.34
CA TRP B 253 -28.22 -11.39 4.49
C TRP B 253 -29.60 -11.29 5.14
N ARG B 254 -30.07 -10.06 5.31
CA ARG B 254 -31.20 -9.80 6.21
C ARG B 254 -32.46 -9.32 5.50
N GLY B 255 -32.33 -8.88 4.25
CA GLY B 255 -33.49 -8.58 3.42
C GLY B 255 -34.07 -7.19 3.54
N VAL B 256 -33.41 -6.33 4.30
CA VAL B 256 -33.81 -4.94 4.45
C VAL B 256 -32.57 -4.07 4.28
N ARG B 257 -32.75 -2.93 3.63
CA ARG B 257 -31.64 -1.99 3.38
C ARG B 257 -31.49 -1.01 4.53
N PRO B 258 -30.31 -0.96 5.14
CA PRO B 258 -30.08 -0.02 6.25
C PRO B 258 -29.69 1.37 5.75
N ASP B 259 -29.70 2.36 6.64
CA ASP B 259 -29.30 3.73 6.30
C ASP B 259 -27.80 3.87 6.50
N THR B 260 -27.07 4.25 5.46
CA THR B 260 -25.63 4.34 5.58
C THR B 260 -25.16 5.69 6.11
N ALA B 261 -26.01 6.70 6.06
CA ALA B 261 -25.60 8.04 6.50
C ALA B 261 -25.06 8.08 7.95
N PRO B 262 -25.82 7.57 8.92
CA PRO B 262 -25.25 7.62 10.28
C PRO B 262 -24.06 6.68 10.50
N VAL B 263 -24.01 5.61 9.73
CA VAL B 263 -22.89 4.69 9.84
C VAL B 263 -21.62 5.29 9.26
N LEU B 264 -21.74 5.99 8.14
CA LEU B 264 -20.61 6.72 7.58
C LEU B 264 -20.15 7.80 8.56
N ALA B 265 -21.09 8.45 9.25
CA ALA B 265 -20.71 9.44 10.26
C ALA B 265 -19.85 8.81 11.35
N GLU B 266 -20.25 7.64 11.86
CA GLU B 266 -19.46 6.97 12.89
C GLU B 266 -18.11 6.49 12.32
N LEU B 267 -18.12 6.03 11.08
CA LEU B 267 -16.86 5.59 10.46
C LEU B 267 -15.88 6.76 10.33
N ARG B 268 -16.38 7.93 9.95
CA ARG B 268 -15.50 9.08 9.83
C ARG B 268 -14.90 9.44 11.18
N ARG B 269 -15.71 9.35 12.24
CA ARG B 269 -15.22 9.59 13.60
C ARG B 269 -14.15 8.57 14.00
N GLN B 270 -14.38 7.31 13.65
CA GLN B 270 -13.37 6.27 13.92
C GLN B 270 -12.05 6.57 13.23
N LEU B 271 -12.13 7.05 11.99
CA LEU B 271 -10.92 7.34 11.20
C LEU B 271 -10.23 8.64 11.59
N ALA B 272 -10.92 9.51 12.31
CA ALA B 272 -10.32 10.76 12.76
C ALA B 272 -9.43 10.51 13.98
N ARG B 273 -9.55 9.32 14.56
CA ARG B 273 -8.68 8.89 15.65
C ARG B 273 -7.24 8.67 15.19
N GLY B 274 -6.29 9.34 15.83
CA GLY B 274 -4.89 9.12 15.56
C GLY B 274 -4.39 7.81 16.15
N SER B 276 -2.47 4.32 17.65
CA SER B 276 -1.45 4.35 18.70
C SER B 276 -0.21 3.53 18.35
N ARG B 277 0.97 4.10 18.57
CA ARG B 277 2.21 3.40 18.25
C ARG B 277 2.83 2.70 19.45
N GLU B 278 2.01 2.41 20.47
CA GLU B 278 2.52 1.88 21.73
C GLU B 278 3.20 0.51 21.58
N ASN B 279 2.77 -0.27 20.61
CA ASN B 279 3.31 -1.62 20.41
C ASN B 279 4.59 -1.66 19.58
N LEU B 280 4.91 -0.55 18.93
CA LEU B 280 6.16 -0.46 18.18
C LEU B 280 7.30 -0.24 19.17
N TYR B 281 8.46 -0.79 18.83
CA TYR B 281 9.58 -0.85 19.78
C TYR B 281 9.97 0.51 20.35
N PHE B 282 9.99 1.52 19.49
CA PHE B 282 10.33 2.90 19.92
C PHE B 282 9.13 3.83 19.84
N GLN B 283 7.94 3.27 19.62
CA GLN B 283 6.74 4.06 19.33
C GLN B 283 6.97 4.99 18.14
#